data_4JPU
#
_entry.id   4JPU
#
_cell.length_a   50.851
_cell.length_b   74.809
_cell.length_c   106.753
_cell.angle_alpha   90.000
_cell.angle_beta   90.000
_cell.angle_gamma   90.000
#
_symmetry.space_group_name_H-M   'P 21 21 21'
#
loop_
_entity.id
_entity.type
_entity.pdbx_description
1 polymer 'Cytochrome c peroxidase'
2 non-polymer 'PROTOPORPHYRIN IX CONTAINING FE'
3 non-polymer BENZAMIDINE
4 non-polymer 'PHOSPHATE ION'
5 water water
#
_entity_poly.entity_id   1
_entity_poly.type   'polypeptide(L)'
_entity_poly.pdbx_seq_one_letter_code
;LVHVASVEKGRSYEDFQKVYNAIALKLREDDEYDNYIGYGPVLVRLAWHISGTWDKHDNTGGSYGGTYRFKKEFNDPSNA
GLQNGFKFLEPIHKEFPWISSGDLFSLGGVTAVQEMQGPKIPWRCGRVDTPEDTTPDNGRLPDADKDAGYVRTFFQRLNM
NDREVVALMGAHALGKTHLKNSGYEGGGANNVFTNEFYLNLLNEDWKLEKNDANNEQWDSKSGYMMLPTDYSLIQDPKYL
SIVKEYANDQDKFFKDFSKAFEKLLENGITFPKDAPSPFIFKTLEEQGL
;
_entity_poly.pdbx_strand_id   A
#
loop_
_chem_comp.id
_chem_comp.type
_chem_comp.name
_chem_comp.formula
BEN non-polymer BENZAMIDINE 'C7 H8 N2'
HEM non-polymer 'PROTOPORPHYRIN IX CONTAINING FE' 'C34 H32 Fe N4 O4'
PO4 non-polymer 'PHOSPHATE ION' 'O4 P -3'
#
# COMPACT_ATOMS: atom_id res chain seq x y z
N LEU A 1 22.87 -11.34 -2.90
CA LEU A 1 22.07 -11.31 -1.56
C LEU A 1 20.69 -11.99 -1.61
N VAL A 2 20.58 -13.11 -0.93
CA VAL A 2 19.46 -14.00 -1.10
C VAL A 2 18.68 -14.07 0.20
N HIS A 3 17.37 -13.86 0.10
CA HIS A 3 16.44 -13.99 1.25
C HIS A 3 15.49 -15.10 1.00
N VAL A 4 15.66 -16.23 1.66
CA VAL A 4 14.88 -17.37 1.43
C VAL A 4 13.70 -17.40 2.41
N ALA A 5 12.49 -17.53 1.88
CA ALA A 5 11.29 -17.58 2.74
C ALA A 5 11.39 -18.83 3.64
N SER A 6 11.09 -18.66 4.91
CA SER A 6 11.12 -19.77 5.89
C SER A 6 9.81 -19.68 6.70
N VAL A 7 8.99 -20.64 6.52
CA VAL A 7 7.68 -20.68 7.15
C VAL A 7 7.85 -20.67 8.67
N GLU A 8 7.15 -19.78 9.35
CA GLU A 8 7.11 -19.79 10.81
C GLU A 8 6.75 -21.20 11.27
N LYS A 9 7.50 -21.67 12.30
N LYS A 9 7.60 -21.70 12.21
CA LYS A 9 7.46 -23.06 12.61
CA LYS A 9 7.71 -23.12 12.47
C LYS A 9 6.11 -23.69 12.86
C LYS A 9 6.34 -23.68 12.85
N GLY A 10 5.84 -24.68 12.10
CA GLY A 10 4.62 -25.35 12.23
C GLY A 10 3.34 -24.69 11.82
N ARG A 11 3.46 -23.49 11.26
CA ARG A 11 2.25 -22.75 10.91
C ARG A 11 1.70 -23.07 9.52
N SER A 12 0.43 -22.88 9.39
CA SER A 12 -0.29 -23.18 8.15
C SER A 12 -1.37 -22.16 7.92
N TYR A 13 -2.19 -22.39 6.89
N TYR A 13 -2.12 -22.34 6.84
CA TYR A 13 -3.26 -21.45 6.50
CA TYR A 13 -3.14 -21.36 6.43
C TYR A 13 -4.09 -20.94 7.68
C TYR A 13 -3.98 -20.88 7.60
N GLU A 14 -4.49 -21.87 8.52
N GLU A 14 -4.47 -21.80 8.42
CA GLU A 14 -5.37 -21.58 9.64
CA GLU A 14 -5.43 -21.43 9.47
C GLU A 14 -4.75 -20.52 10.54
C GLU A 14 -4.76 -20.49 10.51
N ASP A 15 -3.46 -20.65 10.82
CA ASP A 15 -2.77 -19.72 11.68
C ASP A 15 -2.84 -18.29 11.11
N PHE A 16 -2.55 -18.18 9.82
CA PHE A 16 -2.49 -16.87 9.21
C PHE A 16 -3.89 -16.30 9.00
N GLN A 17 -4.91 -17.14 8.78
CA GLN A 17 -6.29 -16.66 8.78
C GLN A 17 -6.68 -16.04 10.11
N LYS A 18 -6.18 -16.64 11.20
CA LYS A 18 -6.49 -16.07 12.51
C LYS A 18 -5.88 -14.68 12.66
N VAL A 19 -4.67 -14.49 12.14
CA VAL A 19 -3.99 -13.22 12.19
C VAL A 19 -4.75 -12.17 11.34
N TYR A 20 -5.11 -12.61 10.12
CA TYR A 20 -5.97 -11.83 9.23
C TYR A 20 -7.22 -11.40 10.01
N ASN A 21 -7.86 -12.35 10.65
CA ASN A 21 -9.12 -12.06 11.30
C ASN A 21 -8.95 -11.06 12.43
N ALA A 22 -7.88 -11.17 13.19
CA ALA A 22 -7.60 -10.23 14.28
C ALA A 22 -7.40 -8.82 13.74
N ILE A 23 -6.65 -8.69 12.63
CA ILE A 23 -6.47 -7.40 12.02
C ILE A 23 -7.78 -6.86 11.52
N ALA A 24 -8.57 -7.70 10.84
CA ALA A 24 -9.86 -7.32 10.26
C ALA A 24 -10.86 -6.85 11.33
N LEU A 25 -10.86 -7.58 12.44
CA LEU A 25 -11.81 -7.23 13.58
C LEU A 25 -11.36 -5.93 14.20
N LYS A 26 -10.09 -5.67 14.27
CA LYS A 26 -9.60 -4.42 14.82
C LYS A 26 -9.90 -3.27 13.87
N LEU A 27 -9.82 -3.54 12.57
CA LEU A 27 -10.16 -2.53 11.56
C LEU A 27 -11.58 -2.10 11.76
N ARG A 28 -12.45 -3.07 12.03
CA ARG A 28 -13.86 -2.77 12.24
C ARG A 28 -14.05 -2.00 13.56
N GLU A 29 -13.33 -2.36 14.62
N GLU A 29 -13.30 -2.33 14.62
CA GLU A 29 -13.55 -1.77 15.94
CA GLU A 29 -13.45 -1.78 16.03
C GLU A 29 -13.11 -0.31 15.92
C GLU A 29 -12.94 -0.33 16.14
N ASP A 30 -11.87 -0.07 15.45
CA ASP A 30 -11.17 1.21 15.60
C ASP A 30 -11.61 2.12 14.44
N ASP A 31 -12.88 2.42 14.35
CA ASP A 31 -13.50 3.07 13.19
C ASP A 31 -13.36 4.60 13.15
N GLU A 32 -13.00 5.20 14.29
N GLU A 32 -13.03 5.28 14.26
CA GLU A 32 -12.97 6.64 14.44
CA GLU A 32 -13.01 6.77 14.29
C GLU A 32 -11.82 7.29 13.71
C GLU A 32 -11.69 7.39 13.78
N TYR A 33 -10.67 6.57 13.66
CA TYR A 33 -9.37 7.06 13.23
C TYR A 33 -9.46 7.85 11.92
N ASP A 34 -8.79 8.99 11.97
CA ASP A 34 -8.66 9.89 10.81
C ASP A 34 -10.00 10.27 10.24
N ASN A 35 -10.80 10.90 11.12
N ASN A 35 -10.84 10.94 11.06
CA ASN A 35 -12.13 11.37 10.76
CA ASN A 35 -12.16 11.40 10.58
C ASN A 35 -12.95 10.29 10.06
C ASN A 35 -13.01 10.26 10.01
N TYR A 36 -12.95 9.12 10.71
CA TYR A 36 -13.78 7.97 10.38
C TYR A 36 -13.42 7.27 9.09
N ILE A 37 -12.22 7.57 8.60
N ILE A 37 -12.22 7.54 8.61
CA ILE A 37 -11.62 6.73 7.53
CA ILE A 37 -11.67 6.70 7.53
C ILE A 37 -11.29 5.34 8.06
C ILE A 37 -11.32 5.32 8.07
N GLY A 38 -10.85 5.24 9.30
CA GLY A 38 -10.38 3.97 9.83
C GLY A 38 -8.95 3.73 9.36
N TYR A 39 -8.35 2.63 9.84
CA TYR A 39 -6.95 2.34 9.63
C TYR A 39 -6.62 1.62 8.30
N GLY A 40 -7.64 1.35 7.52
CA GLY A 40 -7.40 0.55 6.27
C GLY A 40 -6.34 1.19 5.41
N PRO A 41 -6.54 2.47 5.02
CA PRO A 41 -5.61 3.10 4.12
C PRO A 41 -4.22 3.16 4.65
N VAL A 42 -4.00 3.56 5.92
CA VAL A 42 -2.67 3.68 6.40
C VAL A 42 -1.95 2.32 6.46
N LEU A 43 -2.69 1.21 6.65
CA LEU A 43 -2.12 -0.12 6.62
C LEU A 43 -1.63 -0.50 5.23
N VAL A 44 -2.40 -0.10 4.20
CA VAL A 44 -1.97 -0.30 2.81
C VAL A 44 -0.72 0.52 2.53
N ARG A 45 -0.71 1.79 2.94
N ARG A 45 -0.70 1.77 2.96
CA ARG A 45 0.49 2.63 2.76
CA ARG A 45 0.50 2.56 2.75
C ARG A 45 1.71 2.02 3.48
C ARG A 45 1.71 1.97 3.47
N LEU A 46 1.50 1.48 4.70
CA LEU A 46 2.59 0.89 5.45
C LEU A 46 3.16 -0.30 4.66
N ALA A 47 2.27 -1.19 4.17
CA ALA A 47 2.75 -2.35 3.41
C ALA A 47 3.54 -1.97 2.18
N TRP A 48 3.09 -0.92 1.52
CA TRP A 48 3.81 -0.40 0.38
C TRP A 48 5.15 0.20 0.79
N HIS A 49 5.19 1.01 1.83
CA HIS A 49 6.46 1.60 2.20
C HIS A 49 7.49 0.64 2.74
N ILE A 50 7.07 -0.40 3.39
CA ILE A 50 8.05 -1.38 3.87
C ILE A 50 8.58 -2.24 2.70
N SER A 51 7.80 -2.32 1.62
CA SER A 51 8.20 -3.07 0.44
C SER A 51 8.95 -2.20 -0.54
N GLY A 52 8.62 -0.94 -0.64
CA GLY A 52 9.11 -0.03 -1.64
C GLY A 52 10.51 0.53 -1.45
N THR A 53 11.16 0.07 -0.39
CA THR A 53 12.59 0.32 -0.16
C THR A 53 13.43 -0.62 -0.99
N TRP A 54 12.86 -1.63 -1.63
CA TRP A 54 13.58 -2.65 -2.35
C TRP A 54 14.40 -2.04 -3.47
N ASP A 55 15.57 -2.63 -3.72
CA ASP A 55 16.37 -2.31 -4.89
C ASP A 55 16.72 -3.55 -5.61
N LYS A 56 16.20 -3.75 -6.84
CA LYS A 56 16.46 -4.93 -7.61
C LYS A 56 17.95 -5.17 -7.89
N HIS A 57 18.72 -4.10 -7.87
CA HIS A 57 20.16 -4.25 -8.26
C HIS A 57 20.96 -5.04 -7.25
N ASP A 58 20.68 -4.90 -5.98
CA ASP A 58 21.46 -5.61 -4.96
C ASP A 58 20.62 -6.34 -3.91
N ASN A 59 19.28 -6.36 -4.11
CA ASN A 59 18.36 -7.00 -3.16
C ASN A 59 18.41 -6.42 -1.76
N THR A 60 18.76 -5.17 -1.64
CA THR A 60 18.66 -4.45 -0.37
C THR A 60 17.21 -3.98 -0.17
N GLY A 61 16.82 -3.65 1.04
CA GLY A 61 15.49 -3.20 1.35
C GLY A 61 14.51 -4.35 1.15
N GLY A 62 13.25 -3.96 0.86
CA GLY A 62 12.20 -4.97 0.62
C GLY A 62 11.50 -5.38 1.91
N SER A 63 10.36 -6.07 1.79
CA SER A 63 9.58 -6.47 2.93
C SER A 63 10.22 -7.55 3.78
N TYR A 64 11.13 -8.35 3.24
N TYR A 64 11.14 -8.33 3.23
CA TYR A 64 11.55 -9.58 3.93
CA TYR A 64 11.58 -9.57 3.90
C TYR A 64 11.99 -9.34 5.38
C TYR A 64 12.03 -9.39 5.34
N GLY A 65 12.88 -8.38 5.60
CA GLY A 65 13.57 -8.25 6.89
C GLY A 65 12.80 -7.62 7.98
N GLY A 66 11.67 -7.01 7.67
CA GLY A 66 10.90 -6.32 8.70
C GLY A 66 11.59 -5.14 9.34
N THR A 67 12.44 -4.47 8.55
CA THR A 67 13.35 -3.43 9.08
C THR A 67 12.67 -2.13 9.51
N TYR A 68 11.40 -1.88 9.16
CA TYR A 68 10.65 -0.75 9.62
C TYR A 68 10.56 -0.64 11.13
N ARG A 69 10.71 -1.76 11.82
CA ARG A 69 10.74 -1.73 13.30
C ARG A 69 11.95 -1.00 13.84
N PHE A 70 12.96 -0.75 13.03
CA PHE A 70 14.17 -0.01 13.49
C PHE A 70 14.10 1.46 13.27
N LYS A 71 14.67 2.23 14.19
CA LYS A 71 14.50 3.67 14.20
C LYS A 71 14.87 4.36 12.89
N LYS A 72 15.94 3.97 12.24
CA LYS A 72 16.34 4.66 11.02
C LYS A 72 15.17 4.71 10.03
N GLU A 73 14.55 3.55 9.82
N GLU A 73 14.53 3.55 9.84
CA GLU A 73 13.51 3.44 8.80
CA GLU A 73 13.40 3.42 8.89
C GLU A 73 12.20 4.04 9.28
C GLU A 73 12.08 3.94 9.44
N PHE A 74 11.85 3.82 10.55
N PHE A 74 11.76 3.60 10.70
CA PHE A 74 10.59 4.40 11.01
CA PHE A 74 10.59 4.12 11.33
C PHE A 74 10.66 5.90 11.16
C PHE A 74 10.54 5.66 11.21
N ASN A 75 11.86 6.46 11.34
N ASN A 75 11.75 6.27 11.31
CA ASN A 75 11.91 7.91 11.32
CA ASN A 75 11.91 7.73 11.31
C ASN A 75 12.16 8.49 9.94
C ASN A 75 12.20 8.42 9.96
N ASP A 76 12.17 7.64 8.89
CA ASP A 76 12.28 8.20 7.55
C ASP A 76 11.21 9.26 7.38
N PRO A 77 11.57 10.49 6.97
CA PRO A 77 10.52 11.49 6.71
C PRO A 77 9.44 10.98 5.71
N SER A 78 9.85 10.14 4.74
CA SER A 78 8.88 9.56 3.81
C SER A 78 7.87 8.68 4.50
N ASN A 79 8.15 8.20 5.72
CA ASN A 79 7.24 7.36 6.51
C ASN A 79 6.41 8.10 7.57
N ALA A 80 6.36 9.43 7.52
CA ALA A 80 5.67 10.18 8.52
C ALA A 80 4.19 9.84 8.47
N GLY A 81 3.58 9.55 9.60
CA GLY A 81 2.22 9.10 9.68
C GLY A 81 2.08 7.58 9.80
N LEU A 82 3.05 6.83 9.32
CA LEU A 82 2.94 5.37 9.36
C LEU A 82 3.06 4.77 10.74
N GLN A 83 3.59 5.59 11.68
CA GLN A 83 3.60 5.15 13.09
C GLN A 83 2.22 4.76 13.60
N ASN A 84 1.18 5.35 13.05
CA ASN A 84 -0.19 5.02 13.41
C ASN A 84 -0.55 3.59 12.99
N GLY A 85 -0.08 3.19 11.80
CA GLY A 85 -0.23 1.81 11.36
C GLY A 85 0.51 0.84 12.23
N PHE A 86 1.75 1.19 12.56
CA PHE A 86 2.56 0.33 13.43
C PHE A 86 1.91 0.15 14.79
N LYS A 87 1.40 1.24 15.35
N LYS A 87 1.41 1.23 15.36
CA LYS A 87 0.67 1.20 16.65
CA LYS A 87 0.77 1.11 16.69
C LYS A 87 -0.53 0.30 16.59
C LYS A 87 -0.52 0.29 16.59
N PHE A 88 -1.26 0.39 15.47
CA PHE A 88 -2.42 -0.44 15.28
C PHE A 88 -2.03 -1.93 15.31
N LEU A 89 -0.92 -2.26 14.65
CA LEU A 89 -0.50 -3.65 14.53
C LEU A 89 0.16 -4.22 15.80
N GLU A 90 0.57 -3.35 16.72
N GLU A 90 0.56 -3.35 16.73
CA GLU A 90 1.27 -3.79 17.94
CA GLU A 90 1.27 -3.78 17.93
C GLU A 90 0.48 -4.82 18.76
C GLU A 90 0.49 -4.81 18.75
N PRO A 91 -0.79 -4.56 19.05
CA PRO A 91 -1.56 -5.60 19.77
C PRO A 91 -1.75 -6.89 19.03
N ILE A 92 -1.78 -6.82 17.70
CA ILE A 92 -1.86 -8.04 16.89
C ILE A 92 -0.55 -8.79 17.03
N HIS A 93 0.57 -8.12 16.95
CA HIS A 93 1.87 -8.78 17.12
C HIS A 93 2.01 -9.41 18.53
N LYS A 94 1.47 -8.73 19.53
CA LYS A 94 1.53 -9.30 20.88
C LYS A 94 0.69 -10.52 21.01
N GLU A 95 -0.46 -10.59 20.38
CA GLU A 95 -1.28 -11.77 20.42
C GLU A 95 -0.67 -12.94 19.64
N PHE A 96 0.05 -12.62 18.56
CA PHE A 96 0.61 -13.62 17.63
C PHE A 96 2.08 -13.35 17.49
N PRO A 97 2.86 -13.57 18.56
CA PRO A 97 4.23 -13.15 18.55
C PRO A 97 5.14 -13.95 17.61
N TRP A 98 4.62 -15.06 17.14
CA TRP A 98 5.33 -15.94 16.21
C TRP A 98 5.40 -15.40 14.77
N ILE A 99 4.51 -14.49 14.40
CA ILE A 99 4.59 -13.98 13.02
C ILE A 99 5.75 -13.05 12.89
N SER A 100 6.48 -13.11 11.78
CA SER A 100 7.55 -12.22 11.56
C SER A 100 7.07 -10.78 11.27
N SER A 101 7.90 -9.78 11.44
CA SER A 101 7.49 -8.41 11.26
C SER A 101 7.13 -8.14 9.79
N GLY A 102 7.94 -8.61 8.87
CA GLY A 102 7.61 -8.38 7.45
C GLY A 102 6.35 -9.11 7.08
N ASP A 103 6.08 -10.29 7.60
CA ASP A 103 4.84 -10.97 7.39
C ASP A 103 3.68 -10.16 7.91
N LEU A 104 3.79 -9.64 9.13
CA LEU A 104 2.70 -8.89 9.71
C LEU A 104 2.43 -7.62 8.90
N PHE A 105 3.46 -6.85 8.56
CA PHE A 105 3.24 -5.57 7.86
C PHE A 105 2.60 -5.83 6.51
N SER A 106 3.09 -6.83 5.78
CA SER A 106 2.54 -7.13 4.46
C SER A 106 1.13 -7.67 4.59
N LEU A 107 0.87 -8.55 5.56
CA LEU A 107 -0.45 -9.11 5.78
C LEU A 107 -1.41 -8.01 6.19
N GLY A 108 -0.96 -6.98 6.92
CA GLY A 108 -1.85 -5.89 7.24
C GLY A 108 -2.38 -5.17 6.01
N GLY A 109 -1.49 -5.03 5.04
CA GLY A 109 -1.95 -4.45 3.77
C GLY A 109 -2.92 -5.27 2.95
N VAL A 110 -2.66 -6.59 2.90
CA VAL A 110 -3.57 -7.50 2.26
C VAL A 110 -4.93 -7.47 2.94
N THR A 111 -4.92 -7.54 4.30
CA THR A 111 -6.15 -7.56 5.05
C THR A 111 -6.95 -6.29 4.80
N ALA A 112 -6.27 -5.19 4.85
CA ALA A 112 -6.90 -3.86 4.62
C ALA A 112 -7.59 -3.80 3.25
N VAL A 113 -6.82 -4.16 2.20
CA VAL A 113 -7.39 -4.14 0.85
C VAL A 113 -8.65 -4.98 0.77
N GLN A 114 -8.59 -6.21 1.27
CA GLN A 114 -9.70 -7.08 1.19
C GLN A 114 -10.90 -6.61 1.99
N GLU A 115 -10.63 -6.18 3.21
CA GLU A 115 -11.75 -5.77 4.08
C GLU A 115 -12.37 -4.52 3.54
N MET A 116 -11.63 -3.67 2.82
CA MET A 116 -12.18 -2.53 2.13
C MET A 116 -12.85 -2.88 0.79
N GLN A 117 -13.16 -4.15 0.58
CA GLN A 117 -13.89 -4.60 -0.59
C GLN A 117 -13.07 -4.58 -1.87
N GLY A 118 -11.76 -4.65 -1.72
CA GLY A 118 -10.85 -4.75 -2.86
C GLY A 118 -10.75 -6.15 -3.34
N PRO A 119 -9.86 -6.39 -4.29
CA PRO A 119 -9.64 -7.76 -4.78
C PRO A 119 -9.01 -8.63 -3.73
N LYS A 120 -9.18 -9.94 -3.90
N LYS A 120 -9.19 -9.92 -3.90
CA LYS A 120 -8.32 -10.86 -3.16
CA LYS A 120 -8.36 -10.86 -3.13
C LYS A 120 -6.89 -10.64 -3.55
C LYS A 120 -6.90 -10.69 -3.55
N ILE A 121 -5.99 -10.69 -2.58
CA ILE A 121 -4.57 -10.58 -2.79
C ILE A 121 -3.92 -11.87 -2.24
N PRO A 122 -3.48 -12.76 -3.10
CA PRO A 122 -2.80 -13.95 -2.55
C PRO A 122 -1.59 -13.51 -1.82
N TRP A 123 -1.27 -14.21 -0.73
CA TRP A 123 -0.19 -13.80 0.19
C TRP A 123 0.61 -15.00 0.66
N ARG A 124 1.90 -14.82 0.68
CA ARG A 124 2.81 -15.90 1.06
C ARG A 124 3.50 -15.49 2.35
N CYS A 125 3.66 -16.48 3.23
CA CYS A 125 4.39 -16.27 4.47
C CYS A 125 5.85 -16.60 4.31
N GLY A 126 6.61 -16.30 5.36
CA GLY A 126 7.99 -16.75 5.43
C GLY A 126 9.04 -15.68 5.39
N ARG A 127 8.67 -14.41 5.45
CA ARG A 127 9.62 -13.36 5.66
C ARG A 127 10.27 -13.60 7.04
N VAL A 128 11.52 -13.24 7.18
CA VAL A 128 12.30 -13.53 8.44
C VAL A 128 12.90 -12.25 8.87
N ASP A 129 12.75 -11.86 10.15
CA ASP A 129 13.34 -10.64 10.63
C ASP A 129 14.85 -10.67 10.50
N THR A 130 15.40 -9.57 10.03
CA THR A 130 16.86 -9.40 9.87
C THR A 130 17.35 -8.25 10.79
N PRO A 131 18.67 -8.19 11.06
CA PRO A 131 19.18 -7.27 12.08
C PRO A 131 19.20 -5.80 11.72
N GLU A 132 19.41 -4.93 12.69
CA GLU A 132 19.29 -3.50 12.50
C GLU A 132 20.19 -3.00 11.40
N ASP A 133 21.37 -3.61 11.23
CA ASP A 133 22.27 -3.14 10.22
C ASP A 133 21.85 -3.44 8.76
N THR A 134 20.76 -4.19 8.59
CA THR A 134 20.21 -4.47 7.25
C THR A 134 19.13 -3.45 6.88
N THR A 135 18.86 -2.48 7.74
CA THR A 135 17.85 -1.47 7.51
C THR A 135 18.31 -0.57 6.40
N PRO A 136 17.53 -0.42 5.33
CA PRO A 136 17.93 0.51 4.27
C PRO A 136 17.95 1.95 4.70
N ASP A 137 18.90 2.73 4.17
CA ASP A 137 18.90 4.16 4.41
C ASP A 137 17.60 4.81 3.88
N ASN A 138 17.25 5.94 4.46
CA ASN A 138 16.17 6.82 4.01
C ASN A 138 16.42 7.29 2.55
N GLY A 139 15.38 7.67 1.84
CA GLY A 139 15.49 8.28 0.53
C GLY A 139 15.17 7.32 -0.64
N ARG A 140 14.72 6.11 -0.36
CA ARG A 140 14.38 5.12 -1.39
C ARG A 140 12.90 5.15 -1.80
N LEU A 141 12.07 5.90 -1.13
CA LEU A 141 10.65 5.98 -1.48
C LEU A 141 10.46 7.21 -2.35
N PRO A 142 9.41 7.27 -3.12
CA PRO A 142 9.33 8.31 -4.16
C PRO A 142 8.84 9.68 -3.69
N ASP A 143 9.30 10.70 -4.38
CA ASP A 143 8.80 12.06 -4.17
C ASP A 143 7.49 12.27 -4.93
N ALA A 144 6.60 13.12 -4.42
CA ALA A 144 5.30 13.35 -5.02
C ALA A 144 5.24 14.61 -5.93
N ASP A 145 6.30 15.39 -5.92
N ASP A 145 6.30 15.40 -5.93
CA ASP A 145 6.29 16.67 -6.64
CA ASP A 145 6.33 16.68 -6.67
C ASP A 145 6.68 16.55 -8.11
C ASP A 145 7.10 16.52 -7.97
N LYS A 146 7.04 15.34 -8.56
N LYS A 146 6.80 15.47 -8.70
CA LYS A 146 7.62 15.16 -9.87
CA LYS A 146 7.66 14.96 -9.75
C LYS A 146 6.61 14.77 -10.96
C LYS A 146 6.76 14.60 -10.93
N ASP A 147 7.16 14.39 -12.12
N ASP A 147 7.36 14.42 -12.12
CA ASP A 147 6.38 14.14 -13.28
CA ASP A 147 6.62 14.13 -13.34
C ASP A 147 6.45 12.67 -13.70
C ASP A 147 6.53 12.64 -13.73
N ALA A 148 5.90 12.36 -14.88
CA ALA A 148 5.71 10.98 -15.32
C ALA A 148 7.04 10.31 -15.56
N GLY A 149 8.04 11.04 -16.08
CA GLY A 149 9.32 10.43 -16.35
C GLY A 149 10.03 10.02 -15.07
N TYR A 150 9.87 10.80 -14.04
CA TYR A 150 10.38 10.46 -12.72
C TYR A 150 9.74 9.16 -12.19
N VAL A 151 8.40 9.14 -12.28
CA VAL A 151 7.61 7.98 -11.79
C VAL A 151 8.06 6.71 -12.52
N ARG A 152 8.18 6.81 -13.85
CA ARG A 152 8.55 5.65 -14.66
C ARG A 152 9.94 5.12 -14.26
N THR A 153 10.89 6.02 -14.20
CA THR A 153 12.26 5.64 -13.82
C THR A 153 12.33 5.12 -12.40
N PHE A 154 11.63 5.79 -11.49
CA PHE A 154 11.64 5.36 -10.14
C PHE A 154 11.25 3.89 -9.99
N PHE A 155 10.08 3.56 -10.60
CA PHE A 155 9.51 2.25 -10.46
C PHE A 155 10.30 1.15 -11.20
N GLN A 156 11.21 1.52 -12.14
CA GLN A 156 12.10 0.50 -12.70
C GLN A 156 12.97 -0.13 -11.61
N ARG A 157 13.28 0.58 -10.53
CA ARG A 157 14.09 0.02 -9.41
C ARG A 157 13.38 -1.09 -8.71
N LEU A 158 12.04 -1.01 -8.73
CA LEU A 158 11.16 -1.99 -8.12
C LEU A 158 10.67 -3.06 -9.11
N ASN A 159 11.26 -3.03 -10.32
CA ASN A 159 10.90 -3.96 -11.38
C ASN A 159 9.44 -3.86 -11.77
N MET A 160 8.88 -2.65 -11.80
CA MET A 160 7.48 -2.48 -12.22
C MET A 160 7.44 -1.71 -13.53
N ASN A 161 6.58 -2.20 -14.41
CA ASN A 161 6.35 -1.63 -15.76
C ASN A 161 5.21 -0.60 -15.72
N ASP A 162 4.86 -0.02 -16.85
CA ASP A 162 3.83 0.98 -16.88
C ASP A 162 2.52 0.49 -16.36
N ARG A 163 2.09 -0.68 -16.76
N ARG A 163 2.07 -0.69 -16.75
CA ARG A 163 0.80 -1.20 -16.32
CA ARG A 163 0.75 -1.14 -16.29
C ARG A 163 0.78 -1.36 -14.80
C ARG A 163 0.77 -1.37 -14.77
N GLU A 164 1.87 -1.94 -14.29
CA GLU A 164 2.00 -2.21 -12.87
C GLU A 164 2.00 -0.90 -12.08
N VAL A 165 2.71 0.10 -12.56
CA VAL A 165 2.73 1.42 -11.91
C VAL A 165 1.36 2.03 -11.85
N VAL A 166 0.65 2.02 -12.98
CA VAL A 166 -0.66 2.67 -13.02
C VAL A 166 -1.62 1.90 -12.11
N ALA A 167 -1.58 0.58 -12.14
CA ALA A 167 -2.44 -0.22 -11.27
C ALA A 167 -2.13 0.07 -9.80
N LEU A 168 -0.86 0.02 -9.41
CA LEU A 168 -0.52 0.26 -7.98
C LEU A 168 -0.95 1.61 -7.54
N MET A 169 -0.89 2.61 -8.42
N MET A 169 -0.84 2.61 -8.40
CA MET A 169 -1.27 4.00 -8.01
CA MET A 169 -1.18 3.96 -7.95
C MET A 169 -2.72 4.07 -7.66
C MET A 169 -2.71 4.12 -7.74
N GLY A 170 -3.52 3.17 -8.21
CA GLY A 170 -4.93 3.14 -7.92
C GLY A 170 -5.24 2.98 -6.44
N ALA A 171 -4.27 2.56 -5.64
CA ALA A 171 -4.41 2.58 -4.16
C ALA A 171 -4.69 3.96 -3.64
N HIS A 172 -4.41 5.01 -4.42
CA HIS A 172 -4.76 6.34 -4.03
C HIS A 172 -6.24 6.62 -4.16
N ALA A 173 -7.08 5.65 -4.46
CA ALA A 173 -8.50 5.69 -4.11
C ALA A 173 -8.73 5.68 -2.61
N LEU A 174 -7.75 5.24 -1.83
CA LEU A 174 -7.88 5.00 -0.39
C LEU A 174 -7.24 6.12 0.41
N GLY A 175 -7.99 6.59 1.42
CA GLY A 175 -7.40 7.52 2.39
C GLY A 175 -7.10 8.88 1.75
N LYS A 176 -6.09 9.52 2.32
CA LYS A 176 -5.80 10.91 1.96
C LYS A 176 -4.43 11.29 2.35
N THR A 177 -4.04 12.48 1.90
CA THR A 177 -2.84 13.15 2.37
C THR A 177 -3.17 13.99 3.63
N HIS A 178 -2.10 14.27 4.32
CA HIS A 178 -2.17 15.09 5.56
C HIS A 178 -1.03 16.08 5.49
N LEU A 179 -1.42 17.40 5.56
CA LEU A 179 -0.41 18.44 5.39
C LEU A 179 0.81 18.25 6.30
N LYS A 180 0.51 17.89 7.57
CA LYS A 180 1.58 17.70 8.55
C LYS A 180 2.53 16.52 8.28
N ASN A 181 2.06 15.52 7.53
CA ASN A 181 2.90 14.39 7.24
C ASN A 181 3.73 14.58 5.99
N SER A 182 3.09 15.07 4.92
CA SER A 182 3.70 15.04 3.58
C SER A 182 3.76 16.40 2.85
N GLY A 183 3.12 17.41 3.46
CA GLY A 183 3.09 18.73 2.79
C GLY A 183 2.06 18.81 1.68
N TYR A 184 1.06 17.92 1.69
CA TYR A 184 -0.04 17.92 0.77
C TYR A 184 -1.34 17.99 1.52
N GLU A 185 -2.24 18.83 1.05
N GLU A 185 -2.25 18.86 1.06
CA GLU A 185 -3.49 19.05 1.69
CA GLU A 185 -3.55 19.08 1.69
C GLU A 185 -4.53 18.05 1.23
C GLU A 185 -4.56 18.06 1.24
N GLY A 186 -5.07 17.32 2.21
CA GLY A 186 -6.02 16.25 1.92
C GLY A 186 -7.26 16.65 1.25
N GLY A 187 -7.85 15.91 0.33
CA GLY A 187 -9.08 16.17 -0.31
C GLY A 187 -10.11 15.09 0.07
N GLY A 188 -11.18 14.97 -0.67
CA GLY A 188 -12.16 13.96 -0.39
C GLY A 188 -11.52 12.59 -0.32
N ALA A 189 -11.97 11.83 0.64
CA ALA A 189 -11.40 10.56 1.05
C ALA A 189 -12.42 9.46 1.17
N ASN A 190 -12.00 8.24 0.85
N ASN A 190 -12.04 8.25 0.80
CA ASN A 190 -12.84 7.03 0.84
CA ASN A 190 -12.89 7.06 0.94
C ASN A 190 -12.06 5.94 1.57
C ASN A 190 -12.07 5.95 1.60
N ASN A 191 -12.79 4.97 2.11
CA ASN A 191 -12.24 3.76 2.71
C ASN A 191 -12.82 2.52 2.06
N VAL A 192 -13.21 2.62 0.83
CA VAL A 192 -13.70 1.49 0.00
C VAL A 192 -12.81 1.43 -1.23
N PHE A 193 -12.33 0.25 -1.57
CA PHE A 193 -11.40 0.03 -2.67
C PHE A 193 -12.21 -0.11 -3.95
N THR A 194 -12.07 0.87 -4.88
CA THR A 194 -12.72 0.87 -6.16
C THR A 194 -11.71 1.45 -7.15
N ASN A 195 -12.11 1.51 -8.42
CA ASN A 195 -11.38 2.19 -9.49
C ASN A 195 -11.61 3.70 -9.56
N GLU A 196 -12.16 4.28 -8.48
N GLU A 196 -12.13 4.29 -8.48
CA GLU A 196 -12.55 5.68 -8.49
CA GLU A 196 -12.54 5.68 -8.56
C GLU A 196 -11.38 6.65 -8.70
C GLU A 196 -11.38 6.66 -8.70
N PHE A 197 -10.15 6.26 -8.38
CA PHE A 197 -8.99 7.17 -8.61
C PHE A 197 -8.88 7.54 -10.06
N TYR A 198 -9.12 6.54 -10.94
CA TYR A 198 -9.00 6.76 -12.36
C TYR A 198 -10.15 7.59 -12.89
N LEU A 199 -11.34 7.29 -12.41
CA LEU A 199 -12.52 8.10 -12.78
C LEU A 199 -12.34 9.54 -12.34
N ASN A 200 -11.84 9.78 -11.17
CA ASN A 200 -11.58 11.13 -10.69
C ASN A 200 -10.59 11.86 -11.62
N LEU A 201 -9.50 11.17 -11.97
CA LEU A 201 -8.50 11.74 -12.88
C LEU A 201 -9.14 12.20 -14.16
N LEU A 202 -9.97 11.35 -14.76
CA LEU A 202 -10.51 11.63 -16.09
C LEU A 202 -11.68 12.56 -16.05
N ASN A 203 -12.40 12.67 -14.95
CA ASN A 203 -13.75 13.34 -15.01
C ASN A 203 -13.75 14.65 -14.30
N GLU A 204 -12.86 14.92 -13.36
N GLU A 204 -12.86 14.93 -13.37
CA GLU A 204 -12.86 16.19 -12.60
CA GLU A 204 -12.94 16.18 -12.62
C GLU A 204 -12.19 17.32 -13.36
C GLU A 204 -12.19 17.32 -13.34
N ASP A 205 -12.57 18.54 -13.00
CA ASP A 205 -11.98 19.75 -13.56
C ASP A 205 -10.87 20.20 -12.66
N TRP A 206 -9.65 19.81 -13.02
CA TRP A 206 -8.49 19.97 -12.15
C TRP A 206 -7.86 21.33 -12.31
N LYS A 207 -7.49 21.92 -11.19
CA LYS A 207 -6.79 23.24 -11.15
C LYS A 207 -5.51 23.10 -10.38
N LEU A 208 -4.39 23.60 -10.90
CA LEU A 208 -3.12 23.53 -10.27
C LEU A 208 -3.04 24.63 -9.22
N GLU A 209 -3.00 24.29 -7.97
CA GLU A 209 -3.04 25.24 -6.84
C GLU A 209 -1.85 25.07 -5.98
N LYS A 210 -1.54 26.05 -5.10
CA LYS A 210 -0.53 25.91 -4.09
C LYS A 210 -1.24 25.79 -2.75
N ASN A 211 -0.76 24.83 -1.96
CA ASN A 211 -1.30 24.60 -0.66
C ASN A 211 -0.55 25.41 0.41
N ASP A 212 -0.95 25.25 1.65
CA ASP A 212 -0.36 26.12 2.74
C ASP A 212 1.04 25.74 3.08
N ALA A 213 1.56 24.62 2.57
CA ALA A 213 2.94 24.27 2.73
C ALA A 213 3.82 24.73 1.54
N ASN A 214 3.18 25.50 0.68
CA ASN A 214 3.78 26.08 -0.53
C ASN A 214 4.14 25.06 -1.64
N ASN A 215 3.43 23.90 -1.59
CA ASN A 215 3.57 22.88 -2.63
C ASN A 215 2.40 22.91 -3.54
N GLU A 216 2.68 22.62 -4.80
CA GLU A 216 1.64 22.52 -5.80
C GLU A 216 0.88 21.15 -5.78
N GLN A 217 -0.40 21.21 -5.92
CA GLN A 217 -1.23 20.01 -6.08
C GLN A 217 -2.40 20.36 -6.92
N TRP A 218 -3.06 19.35 -7.53
CA TRP A 218 -4.19 19.55 -8.39
C TRP A 218 -5.46 19.36 -7.62
N ASP A 219 -6.36 20.35 -7.60
CA ASP A 219 -7.59 20.30 -6.86
C ASP A 219 -8.78 20.52 -7.74
N SER A 220 -9.92 19.97 -7.35
CA SER A 220 -11.17 20.23 -8.05
C SER A 220 -12.15 20.96 -7.12
N LYS A 221 -13.07 21.72 -7.72
CA LYS A 221 -14.03 22.48 -6.93
C LYS A 221 -14.93 21.49 -6.19
N SER A 222 -15.10 20.28 -6.74
N SER A 222 -15.07 20.30 -6.76
CA SER A 222 -15.82 19.19 -6.04
CA SER A 222 -15.81 19.22 -6.13
C SER A 222 -15.11 18.68 -4.76
C SER A 222 -15.12 18.59 -4.89
N GLY A 223 -13.85 19.05 -4.59
N GLY A 223 -13.91 19.03 -4.50
CA GLY A 223 -13.16 18.76 -3.38
CA GLY A 223 -13.31 18.67 -3.22
C GLY A 223 -12.23 17.56 -3.44
C GLY A 223 -12.18 17.65 -3.22
N TYR A 224 -11.90 17.13 -4.65
N TYR A 224 -11.85 17.21 -4.44
CA TYR A 224 -10.86 16.10 -4.81
CA TYR A 224 -10.85 16.16 -4.62
C TYR A 224 -9.48 16.74 -4.91
C TYR A 224 -9.50 16.72 -4.98
N MET A 225 -8.43 15.93 -4.72
CA MET A 225 -7.09 16.35 -4.99
C MET A 225 -6.31 15.23 -5.64
N MET A 226 -5.27 15.64 -6.37
CA MET A 226 -4.26 14.77 -6.95
C MET A 226 -2.87 15.30 -6.67
N LEU A 227 -1.94 14.45 -6.30
CA LEU A 227 -0.55 14.80 -6.25
C LEU A 227 -0.04 15.06 -7.66
N PRO A 228 1.06 15.82 -7.80
CA PRO A 228 1.67 15.90 -9.13
C PRO A 228 1.94 14.57 -9.79
N THR A 229 2.43 13.61 -9.00
CA THR A 229 2.72 12.30 -9.53
C THR A 229 1.44 11.53 -9.93
N ASP A 230 0.35 11.76 -9.19
CA ASP A 230 -0.94 11.20 -9.60
C ASP A 230 -1.36 11.74 -10.97
N TYR A 231 -1.31 13.08 -11.08
CA TYR A 231 -1.74 13.78 -12.27
C TYR A 231 -0.88 13.44 -13.46
N SER A 232 0.37 13.09 -13.22
CA SER A 232 1.28 12.70 -14.27
C SER A 232 0.74 11.51 -15.06
N LEU A 233 -0.12 10.70 -14.45
CA LEU A 233 -0.67 9.56 -15.14
C LEU A 233 -1.62 9.91 -16.28
N ILE A 234 -2.16 11.14 -16.29
CA ILE A 234 -2.94 11.61 -17.45
C ILE A 234 -2.16 12.61 -18.31
N GLN A 235 -0.95 12.97 -17.92
CA GLN A 235 -0.07 13.84 -18.75
C GLN A 235 0.71 13.02 -19.72
N ASP A 236 1.07 11.82 -19.38
CA ASP A 236 1.88 10.94 -20.21
C ASP A 236 0.97 10.08 -21.04
N PRO A 237 1.18 9.96 -22.35
CA PRO A 237 0.16 9.32 -23.15
C PRO A 237 0.09 7.81 -22.91
N LYS A 238 1.20 7.18 -22.51
CA LYS A 238 1.17 5.77 -22.22
C LYS A 238 0.42 5.46 -20.94
N TYR A 239 0.69 6.25 -19.91
N TYR A 239 0.74 6.22 -19.90
CA TYR A 239 -0.10 6.11 -18.67
CA TYR A 239 -0.05 6.10 -18.68
C TYR A 239 -1.57 6.40 -18.89
C TYR A 239 -1.54 6.40 -18.90
N LEU A 240 -1.84 7.40 -19.70
CA LEU A 240 -3.23 7.80 -19.91
C LEU A 240 -4.05 6.69 -20.48
N SER A 241 -3.50 5.95 -21.43
CA SER A 241 -4.24 4.84 -22.01
C SER A 241 -4.66 3.87 -20.96
N ILE A 242 -3.77 3.58 -19.99
CA ILE A 242 -4.00 2.57 -18.95
C ILE A 242 -4.98 3.12 -17.91
N VAL A 243 -4.87 4.40 -17.59
CA VAL A 243 -5.87 5.09 -16.76
C VAL A 243 -7.27 4.87 -17.34
N LYS A 244 -7.39 5.10 -18.63
CA LYS A 244 -8.68 4.92 -19.29
C LYS A 244 -9.14 3.51 -19.23
N GLU A 245 -8.26 2.55 -19.44
N GLU A 245 -8.24 2.56 -19.43
CA GLU A 245 -8.63 1.17 -19.34
CA GLU A 245 -8.59 1.15 -19.35
C GLU A 245 -9.17 0.83 -17.98
C GLU A 245 -9.19 0.83 -17.99
N TYR A 246 -8.52 1.25 -16.93
CA TYR A 246 -8.99 0.92 -15.59
C TYR A 246 -10.21 1.67 -15.19
N ALA A 247 -10.39 2.90 -15.70
CA ALA A 247 -11.61 3.66 -15.44
C ALA A 247 -12.78 2.97 -16.10
N ASN A 248 -12.60 2.15 -17.13
CA ASN A 248 -13.64 1.51 -17.87
C ASN A 248 -13.81 0.03 -17.60
N ASP A 249 -13.05 -0.52 -16.65
N ASP A 249 -13.02 -0.54 -16.68
CA ASP A 249 -13.15 -1.95 -16.39
CA ASP A 249 -13.09 -1.97 -16.42
C ASP A 249 -12.67 -2.24 -14.97
C ASP A 249 -12.62 -2.28 -15.01
N GLN A 250 -13.62 -2.18 -14.04
N GLN A 250 -13.57 -2.25 -14.09
CA GLN A 250 -13.37 -2.48 -12.62
CA GLN A 250 -13.30 -2.48 -12.66
C GLN A 250 -12.66 -3.83 -12.42
C GLN A 250 -12.66 -3.84 -12.41
N ASP A 251 -13.10 -4.87 -13.09
CA ASP A 251 -12.56 -6.20 -12.87
C ASP A 251 -11.11 -6.23 -13.31
N LYS A 252 -10.79 -5.63 -14.45
CA LYS A 252 -9.44 -5.65 -14.93
C LYS A 252 -8.50 -4.92 -13.95
N PHE A 253 -8.96 -3.80 -13.46
CA PHE A 253 -8.19 -3.10 -12.50
C PHE A 253 -7.93 -3.94 -11.21
N PHE A 254 -8.98 -4.62 -10.75
CA PHE A 254 -8.84 -5.49 -9.59
C PHE A 254 -7.84 -6.56 -9.82
N LYS A 255 -7.91 -7.21 -10.96
CA LYS A 255 -6.99 -8.32 -11.23
C LYS A 255 -5.55 -7.85 -11.35
N ASP A 256 -5.36 -6.76 -12.04
CA ASP A 256 -4.03 -6.19 -12.22
C ASP A 256 -3.44 -5.67 -10.94
N PHE A 257 -4.25 -4.99 -10.15
CA PHE A 257 -3.78 -4.49 -8.87
C PHE A 257 -3.39 -5.67 -7.99
N SER A 258 -4.19 -6.74 -7.97
CA SER A 258 -3.86 -7.89 -7.09
C SER A 258 -2.52 -8.48 -7.41
N LYS A 259 -2.26 -8.63 -8.72
CA LYS A 259 -0.99 -9.16 -9.15
C LYS A 259 0.18 -8.24 -8.80
N ALA A 260 0.01 -6.96 -9.08
CA ALA A 260 1.09 -6.02 -8.84
C ALA A 260 1.39 -5.84 -7.36
N PHE A 261 0.34 -5.82 -6.56
CA PHE A 261 0.52 -5.65 -5.10
C PHE A 261 1.13 -6.89 -4.50
N GLU A 262 0.75 -8.08 -4.88
CA GLU A 262 1.44 -9.26 -4.40
C GLU A 262 2.90 -9.17 -4.78
N LYS A 263 3.17 -8.85 -6.04
CA LYS A 263 4.56 -8.79 -6.52
C LYS A 263 5.35 -7.79 -5.71
N LEU A 264 4.79 -6.61 -5.48
CA LEU A 264 5.45 -5.59 -4.65
C LEU A 264 5.82 -6.14 -3.27
N LEU A 265 4.88 -6.82 -2.64
N LEU A 265 4.87 -6.82 -2.63
CA LEU A 265 5.07 -7.36 -1.28
CA LEU A 265 5.05 -7.38 -1.29
C LEU A 265 6.01 -8.53 -1.29
C LEU A 265 5.99 -8.57 -1.29
N GLU A 266 6.26 -9.15 -2.44
CA GLU A 266 7.14 -10.31 -2.56
C GLU A 266 8.50 -10.01 -3.14
N ASN A 267 8.72 -8.82 -3.64
CA ASN A 267 10.00 -8.51 -4.27
C ASN A 267 11.11 -8.80 -3.28
N GLY A 268 12.15 -9.44 -3.76
CA GLY A 268 13.37 -9.71 -2.98
C GLY A 268 13.34 -11.05 -2.32
N ILE A 269 12.24 -11.76 -2.33
CA ILE A 269 12.10 -13.02 -1.58
C ILE A 269 12.24 -14.18 -2.52
N THR A 270 13.05 -15.18 -2.18
CA THR A 270 13.14 -16.45 -2.85
C THR A 270 12.28 -17.45 -2.16
N PHE A 271 11.29 -17.98 -2.81
CA PHE A 271 10.41 -19.01 -2.32
C PHE A 271 10.97 -20.38 -2.73
N PRO A 272 11.33 -21.23 -1.76
CA PRO A 272 11.72 -22.62 -2.09
C PRO A 272 10.70 -23.31 -2.90
N LYS A 273 11.14 -24.29 -3.70
CA LYS A 273 10.25 -24.98 -4.63
C LYS A 273 9.09 -25.72 -3.92
N ASP A 274 9.38 -26.18 -2.71
CA ASP A 274 8.38 -26.83 -1.87
C ASP A 274 7.76 -25.91 -0.77
N ALA A 275 7.88 -24.58 -0.96
CA ALA A 275 7.10 -23.61 -0.13
C ALA A 275 5.62 -23.84 -0.32
N PRO A 276 4.81 -23.54 0.70
CA PRO A 276 3.37 -23.59 0.49
C PRO A 276 2.90 -22.68 -0.66
N SER A 277 1.83 -23.05 -1.29
CA SER A 277 1.20 -22.15 -2.27
C SER A 277 0.73 -20.87 -1.54
N PRO A 278 0.58 -19.77 -2.28
CA PRO A 278 -0.01 -18.56 -1.69
C PRO A 278 -1.36 -18.83 -1.07
N PHE A 279 -1.62 -18.16 0.06
CA PHE A 279 -2.87 -18.21 0.75
C PHE A 279 -3.82 -17.16 0.19
N ILE A 280 -5.06 -17.49 0.12
CA ILE A 280 -6.12 -16.53 -0.20
C ILE A 280 -7.08 -16.53 1.01
N PHE A 281 -7.01 -15.50 1.80
CA PHE A 281 -7.77 -15.38 3.04
C PHE A 281 -9.18 -15.02 2.74
N LYS A 282 -10.09 -15.59 3.51
N LYS A 282 -10.09 -15.59 3.51
CA LYS A 282 -11.48 -15.19 3.52
CA LYS A 282 -11.49 -15.21 3.50
C LYS A 282 -11.68 -13.90 4.26
C LYS A 282 -11.68 -13.91 4.25
N THR A 283 -12.58 -13.06 3.77
CA THR A 283 -12.91 -11.84 4.50
C THR A 283 -13.76 -12.18 5.74
N LEU A 284 -13.85 -11.26 6.68
CA LEU A 284 -14.82 -11.48 7.78
C LEU A 284 -16.20 -11.78 7.23
N GLU A 285 -16.64 -10.97 6.29
N GLU A 285 -16.63 -11.01 6.26
CA GLU A 285 -17.94 -11.14 5.67
CA GLU A 285 -17.93 -11.15 5.64
C GLU A 285 -18.14 -12.53 5.10
C GLU A 285 -18.14 -12.54 5.09
N GLU A 286 -17.15 -13.06 4.37
CA GLU A 286 -17.24 -14.41 3.84
C GLU A 286 -17.33 -15.47 4.92
N GLN A 287 -16.76 -15.21 6.07
CA GLN A 287 -16.80 -16.16 7.20
C GLN A 287 -18.03 -15.99 8.08
N GLY A 288 -18.81 -14.97 7.83
CA GLY A 288 -19.95 -14.65 8.73
C GLY A 288 -19.51 -14.16 10.07
N LEU A 289 -18.39 -13.49 10.15
CA LEU A 289 -17.86 -12.93 11.36
C LEU A 289 -18.00 -11.41 11.40
CHA HEM B . -0.66 8.28 0.88
CHB HEM B . 2.72 9.62 -2.29
CHC HEM B . 2.47 5.30 -4.45
CHD HEM B . -0.73 3.87 -1.10
C1A HEM B . 0.32 8.99 0.29
C2A HEM B . 0.77 10.34 0.57
C3A HEM B . 1.68 10.74 -0.30
C4A HEM B . 1.85 9.64 -1.23
CMA HEM B . 2.46 12.08 -0.39
CAA HEM B . 0.25 11.15 1.74
CBA HEM B . 0.85 10.77 3.07
CGA HEM B . 0.25 11.56 4.20
O1A HEM B . 0.24 12.79 4.04
O2A HEM B . -0.23 10.97 5.15
C1B HEM B . 2.96 8.59 -3.20
C2B HEM B . 3.86 8.59 -4.29
C3B HEM B . 3.75 7.39 -4.92
C4B HEM B . 2.79 6.60 -4.18
CMB HEM B . 4.74 9.83 -4.66
CAB HEM B . 4.40 6.90 -6.16
CBB HEM B . 4.81 7.77 -7.07
C1C HEM B . 1.67 4.52 -3.70
C2C HEM B . 1.44 3.08 -3.84
C3C HEM B . 0.55 2.61 -2.91
C4C HEM B . 0.20 3.82 -2.12
CMC HEM B . 2.19 2.26 -4.88
CAC HEM B . 0.08 1.24 -2.57
CBC HEM B . -0.20 0.36 -3.51
C1D HEM B . -1.09 4.96 -0.34
C2D HEM B . -2.19 5.01 0.52
C3D HEM B . -2.15 6.34 1.13
C4D HEM B . -1.08 7.04 0.52
CMD HEM B . -3.22 3.89 0.71
CAD HEM B . -3.14 6.92 2.10
CBD HEM B . -2.68 6.86 3.55
CGD HEM B . -3.67 7.47 4.52
O1D HEM B . -3.11 7.67 5.69
O2D HEM B . -4.80 7.70 4.23
NA HEM B . 0.99 8.59 -0.89
NB HEM B . 2.32 7.33 -3.14
NC HEM B . 0.93 4.97 -2.62
ND HEM B . -0.45 6.19 -0.35
FE HEM B . 0.88 6.79 -1.81
C1 BEN C . -4.75 10.70 -2.90
C2 BEN C . -5.34 9.89 -1.97
C3 BEN C . -4.59 9.16 -1.06
C4 BEN C . -3.21 9.30 -1.07
C5 BEN C . -2.61 10.14 -1.97
C6 BEN C . -3.37 10.81 -2.86
C BEN C . -5.49 11.45 -3.90
N1 BEN C . -5.04 11.71 -5.10
N2 BEN C . -6.74 11.84 -3.52
P PO4 D . -8.48 21.07 -1.27
O1 PO4 D . -8.36 19.62 -1.66
O2 PO4 D . -9.31 21.13 0.01
O3 PO4 D . -7.11 21.73 -1.10
O4 PO4 D . -9.17 21.81 -2.37
P PO4 E . -12.93 -0.57 7.24
O1 PO4 E . -12.28 -1.85 6.74
O2 PO4 E . -14.42 -0.79 7.50
O3 PO4 E . -12.28 -0.12 8.52
O4 PO4 E . -12.81 0.52 6.29
#